data_9LHF
#
_entry.id   9LHF
#
_cell.length_a   58.958
_cell.length_b   68.277
_cell.length_c   62.757
_cell.angle_alpha   90.000
_cell.angle_beta   112.590
_cell.angle_gamma   90.000
#
_symmetry.space_group_name_H-M   'P 1 21 1'
#
loop_
_entity.id
_entity.type
_entity.pdbx_description
1 polymer 'Glutathione S-transferase omega-1'
2 non-polymer 1-[(2~{R})-2-[5-[4-(trifluoromethyl)phenyl]-1,3,4-thiadiazol-2-yl]pyrrolidin-1-yl]propan-1-one
3 water water
#
_entity_poly.entity_id   1
_entity_poly.type   'polypeptide(L)'
_entity_poly.pdbx_seq_one_letter_code
;GSNAMSGESARSLGKGSAPPGPVPEGSIRIYSMRFCPFAERTRLVLKAKGIRHEVININLKNKPEWFFKKNPFGLVPVLE
NSQGQLIYESAITCEYLDEAYPGKKLLPDDPYEKACQKMILELFSKVPSLVGSFIRSQNKEDYAGLKEEFRKEFTKLEEV
LTNKKTTFFGGNSISMIDYLIWPWFERLEAMKLNECVDHTPKLKLWMAAMKEDPTVSALLTSEKDWQGFLELYLQNSPEA
CDYGL
;
_entity_poly.pdbx_strand_id   A,B
#
loop_
_chem_comp.id
_chem_comp.type
_chem_comp.name
_chem_comp.formula
A1ELW non-polymer 1-[(2~{R})-2-[5-[4-(trifluoromethyl)phenyl]-1,3,4-thiadiazol-2-yl]pyrrolidin-1-yl]propan-1-one 'C16 H16 F3 N3 O S'
#
# COMPACT_ATOMS: atom_id res chain seq x y z
N GLU A 8 19.90 -29.58 5.25
CA GLU A 8 19.14 -29.30 4.05
C GLU A 8 19.05 -27.79 3.82
N SER A 9 19.07 -27.38 2.55
CA SER A 9 19.06 -25.96 2.23
C SER A 9 17.70 -25.32 2.48
N ALA A 10 16.62 -26.10 2.35
CA ALA A 10 15.28 -25.55 2.53
C ALA A 10 14.86 -25.45 3.99
N ARG A 11 15.56 -26.14 4.90
CA ARG A 11 15.20 -26.11 6.31
C ARG A 11 15.35 -24.71 6.86
N SER A 12 14.34 -24.25 7.59
CA SER A 12 14.29 -22.87 8.06
C SER A 12 15.40 -22.61 9.06
N LEU A 13 15.79 -21.33 9.17
CA LEU A 13 16.81 -20.89 10.10
C LEU A 13 16.14 -20.31 11.34
N GLY A 14 16.47 -20.86 12.52
CA GLY A 14 15.94 -20.40 13.77
C GLY A 14 16.99 -19.74 14.65
N LYS A 15 16.62 -19.55 15.91
CA LYS A 15 17.55 -19.01 16.88
C LYS A 15 18.75 -19.95 17.03
N GLY A 16 19.95 -19.40 16.90
CA GLY A 16 21.17 -20.19 16.88
C GLY A 16 21.74 -20.41 15.50
N SER A 17 21.03 -20.01 14.46
CA SER A 17 21.53 -20.13 13.09
C SER A 17 22.44 -18.96 12.77
N ALA A 18 23.44 -19.22 11.94
CA ALA A 18 24.33 -18.14 11.54
C ALA A 18 23.66 -17.27 10.49
N PRO A 19 23.81 -15.96 10.56
CA PRO A 19 23.30 -15.09 9.49
C PRO A 19 23.95 -15.45 8.16
N PRO A 20 23.22 -15.33 7.06
CA PRO A 20 23.77 -15.76 5.78
C PRO A 20 24.94 -14.89 5.34
N GLY A 21 25.78 -15.46 4.49
CA GLY A 21 26.90 -14.76 3.93
C GLY A 21 26.46 -13.79 2.84
N PRO A 22 27.43 -13.20 2.15
CA PRO A 22 27.08 -12.24 1.08
C PRO A 22 26.39 -12.94 -0.07
N VAL A 23 25.43 -12.24 -0.68
CA VAL A 23 24.72 -12.76 -1.84
C VAL A 23 25.68 -12.77 -3.02
N PRO A 24 25.88 -13.91 -3.67
CA PRO A 24 26.77 -13.94 -4.84
C PRO A 24 26.27 -13.04 -5.94
N GLU A 25 27.20 -12.42 -6.65
CA GLU A 25 26.86 -11.49 -7.72
C GLU A 25 26.13 -12.22 -8.84
N GLY A 26 25.16 -11.55 -9.45
CA GLY A 26 24.30 -12.15 -10.44
C GLY A 26 23.06 -12.83 -9.89
N SER A 27 23.00 -13.03 -8.59
CA SER A 27 21.86 -13.66 -7.93
C SER A 27 21.27 -12.71 -6.89
N ILE A 28 20.06 -13.02 -6.45
CA ILE A 28 19.38 -12.26 -5.41
C ILE A 28 18.87 -13.24 -4.38
N ARG A 29 18.79 -12.80 -3.13
CA ARG A 29 18.36 -13.63 -2.01
C ARG A 29 16.98 -13.22 -1.57
N ILE A 30 16.12 -14.21 -1.29
CA ILE A 30 14.80 -13.97 -0.72
C ILE A 30 14.73 -14.67 0.62
N TYR A 31 14.48 -13.90 1.67
CA TYR A 31 14.15 -14.47 2.97
C TYR A 31 12.68 -14.85 2.96
N SER A 32 12.39 -16.13 2.98
CA SER A 32 11.04 -16.63 2.70
C SER A 32 10.58 -17.57 3.80
N MET A 33 9.39 -18.12 3.60
CA MET A 33 8.88 -19.24 4.39
C MET A 33 7.94 -20.01 3.48
N ARG A 34 8.16 -21.33 3.39
CA ARG A 34 7.53 -22.12 2.33
C ARG A 34 6.01 -22.12 2.41
N PHE A 35 5.43 -21.81 3.56
CA PHE A 35 3.99 -21.83 3.70
C PHE A 35 3.40 -20.44 3.93
N CYS A 36 4.17 -19.41 3.62
CA CYS A 36 3.71 -18.01 3.82
C CYS A 36 3.24 -17.43 2.48
N PRO A 37 1.97 -17.03 2.39
CA PRO A 37 1.36 -16.47 1.18
C PRO A 37 1.99 -15.15 0.75
N PHE A 38 2.42 -14.33 1.73
CA PHE A 38 3.08 -13.07 1.39
C PHE A 38 4.38 -13.33 0.63
N ALA A 39 5.14 -14.33 1.07
CA ALA A 39 6.39 -14.67 0.37
C ALA A 39 6.13 -15.42 -0.92
N GLU A 40 5.02 -16.17 -0.99
CA GLU A 40 4.70 -16.86 -2.23
C GLU A 40 4.47 -15.87 -3.37
N ARG A 41 3.97 -14.67 -3.06
CA ARG A 41 3.90 -13.59 -4.04
C ARG A 41 5.26 -13.37 -4.70
N THR A 42 6.30 -13.20 -3.89
CA THR A 42 7.63 -12.92 -4.42
C THR A 42 8.18 -14.13 -5.18
N ARG A 43 7.94 -15.34 -4.67
CA ARG A 43 8.45 -16.53 -5.33
C ARG A 43 7.75 -16.80 -6.65
N LEU A 44 6.46 -16.43 -6.75
CA LEU A 44 5.76 -16.55 -8.02
C LEU A 44 6.38 -15.63 -9.07
N VAL A 45 6.72 -14.40 -8.68
CA VAL A 45 7.37 -13.47 -9.59
C VAL A 45 8.76 -13.97 -9.97
N LEU A 46 9.51 -14.47 -8.99
CA LEU A 46 10.84 -15.03 -9.27
C LEU A 46 10.74 -16.19 -10.25
N LYS A 47 9.72 -17.04 -10.09
CA LYS A 47 9.54 -18.16 -11.00
C LYS A 47 9.05 -17.71 -12.36
N ALA A 48 8.07 -16.80 -12.38
CA ALA A 48 7.50 -16.35 -13.65
C ALA A 48 8.52 -15.59 -14.49
N LYS A 49 9.40 -14.83 -13.85
CA LYS A 49 10.40 -14.05 -14.56
C LYS A 49 11.72 -14.79 -14.70
N GLY A 50 11.81 -16.02 -14.22
CA GLY A 50 13.05 -16.79 -14.34
C GLY A 50 14.25 -16.12 -13.75
N ILE A 51 14.09 -15.51 -12.57
CA ILE A 51 15.15 -14.73 -11.94
C ILE A 51 16.05 -15.66 -11.14
N ARG A 52 17.35 -15.59 -11.40
CA ARG A 52 18.33 -16.35 -10.62
C ARG A 52 18.30 -15.89 -9.17
N HIS A 53 17.99 -16.81 -8.26
CA HIS A 53 17.82 -16.43 -6.86
C HIS A 53 18.15 -17.61 -5.96
N GLU A 54 18.40 -17.29 -4.69
CA GLU A 54 18.57 -18.28 -3.64
C GLU A 54 17.53 -18.03 -2.55
N VAL A 55 17.06 -19.12 -1.93
CA VAL A 55 16.01 -19.06 -0.93
C VAL A 55 16.61 -19.43 0.43
N ILE A 56 16.26 -18.65 1.45
CA ILE A 56 16.64 -18.92 2.83
C ILE A 56 15.39 -18.75 3.67
N ASN A 57 14.89 -19.84 4.22
CA ASN A 57 13.63 -19.82 4.96
C ASN A 57 13.86 -19.39 6.41
N ILE A 58 12.95 -18.56 6.91
CA ILE A 58 13.01 -18.03 8.26
C ILE A 58 11.96 -18.74 9.11
N ASN A 59 12.40 -19.39 10.17
CA ASN A 59 11.49 -20.05 11.11
C ASN A 59 10.70 -18.97 11.84
N LEU A 60 9.49 -18.69 11.35
CA LEU A 60 8.67 -17.63 11.92
C LEU A 60 8.19 -17.93 13.33
N LYS A 61 8.31 -19.18 13.79
CA LYS A 61 8.03 -19.53 15.17
C LYS A 61 9.29 -19.70 16.01
N ASN A 62 10.45 -19.32 15.45
CA ASN A 62 11.72 -19.33 16.15
C ASN A 62 12.64 -18.31 15.47
N LYS A 63 12.15 -17.09 15.31
CA LYS A 63 12.85 -16.13 14.46
C LYS A 63 14.20 -15.77 15.05
N PRO A 64 15.28 -15.85 14.26
CA PRO A 64 16.59 -15.38 14.74
C PRO A 64 16.60 -13.87 14.86
N GLU A 65 17.39 -13.38 15.82
CA GLU A 65 17.44 -11.95 16.07
C GLU A 65 18.10 -11.18 14.93
N TRP A 66 18.99 -11.84 14.17
CA TRP A 66 19.65 -11.16 13.06
C TRP A 66 18.69 -10.86 11.92
N PHE A 67 17.56 -11.56 11.85
CA PHE A 67 16.61 -11.30 10.77
C PHE A 67 15.96 -9.94 10.90
N PHE A 68 15.89 -9.39 12.12
CA PHE A 68 15.33 -8.06 12.30
C PHE A 68 16.23 -6.98 11.73
N LYS A 69 17.51 -7.28 11.50
CA LYS A 69 18.37 -6.34 10.78
C LYS A 69 18.04 -6.32 9.30
N LYS A 70 17.66 -7.47 8.74
CA LYS A 70 17.23 -7.52 7.35
C LYS A 70 15.92 -6.77 7.15
N ASN A 71 15.01 -6.86 8.12
CA ASN A 71 13.73 -6.18 8.10
C ASN A 71 13.34 -5.80 9.52
N PRO A 72 13.25 -4.51 9.83
CA PRO A 72 12.87 -4.10 11.20
C PRO A 72 11.49 -4.57 11.61
N PHE A 73 10.62 -4.90 10.65
CA PHE A 73 9.33 -5.51 10.96
C PHE A 73 9.44 -7.00 11.27
N GLY A 74 10.61 -7.60 11.03
CA GLY A 74 10.79 -9.02 11.29
C GLY A 74 9.87 -9.89 10.45
N LEU A 75 9.50 -9.43 9.26
CA LEU A 75 8.52 -10.11 8.43
C LEU A 75 9.13 -10.61 7.13
N VAL A 76 8.41 -11.54 6.52
CA VAL A 76 8.80 -12.20 5.28
C VAL A 76 7.76 -11.82 4.24
N PRO A 77 8.13 -11.59 2.96
CA PRO A 77 9.43 -11.74 2.30
C PRO A 77 10.39 -10.58 2.47
N VAL A 78 11.67 -10.87 2.26
CA VAL A 78 12.73 -9.86 2.23
C VAL A 78 13.67 -10.22 1.08
N LEU A 79 13.99 -9.26 0.25
CA LEU A 79 14.97 -9.44 -0.81
C LEU A 79 16.29 -8.79 -0.42
N GLU A 80 17.39 -9.35 -0.94
CA GLU A 80 18.72 -8.84 -0.64
C GLU A 80 19.60 -9.12 -1.85
N ASN A 81 20.07 -8.05 -2.50
CA ASN A 81 20.93 -8.18 -3.66
C ASN A 81 22.40 -8.20 -3.24
N SER A 82 23.29 -8.27 -4.23
CA SER A 82 24.72 -8.35 -3.94
C SER A 82 25.27 -7.08 -3.32
N GLN A 83 24.62 -5.94 -3.54
CA GLN A 83 25.06 -4.67 -2.96
C GLN A 83 24.61 -4.51 -1.51
N GLY A 84 24.08 -5.56 -0.89
CA GLY A 84 23.57 -5.47 0.47
C GLY A 84 22.25 -4.76 0.61
N GLN A 85 21.67 -4.26 -0.49
CA GLN A 85 20.40 -3.56 -0.42
C GLN A 85 19.27 -4.53 -0.04
N LEU A 86 18.34 -4.04 0.77
CA LEU A 86 17.26 -4.87 1.31
C LEU A 86 15.92 -4.26 0.93
N ILE A 87 15.00 -5.10 0.46
CA ILE A 87 13.65 -4.70 0.11
C ILE A 87 12.68 -5.62 0.85
N TYR A 88 11.81 -5.04 1.66
CA TYR A 88 10.74 -5.79 2.31
C TYR A 88 9.39 -5.26 1.83
N GLU A 89 8.32 -5.82 2.43
CA GLU A 89 6.93 -5.67 1.98
C GLU A 89 6.71 -6.47 0.70
N SER A 90 5.73 -7.37 0.73
CA SER A 90 5.56 -8.34 -0.35
C SER A 90 5.32 -7.65 -1.70
N ALA A 91 4.36 -6.73 -1.74
CA ALA A 91 4.04 -6.06 -3.00
C ALA A 91 5.24 -5.27 -3.51
N ILE A 92 6.00 -4.66 -2.61
CA ILE A 92 7.18 -3.90 -3.01
C ILE A 92 8.24 -4.82 -3.63
N THR A 93 8.42 -6.00 -3.04
CA THR A 93 9.41 -6.93 -3.56
C THR A 93 9.03 -7.41 -4.95
N CYS A 94 7.74 -7.65 -5.19
CA CYS A 94 7.30 -8.11 -6.50
C CYS A 94 7.53 -7.05 -7.57
N GLU A 95 7.13 -5.80 -7.28
CA GLU A 95 7.32 -4.73 -8.25
C GLU A 95 8.80 -4.45 -8.49
N TYR A 96 9.62 -4.56 -7.44
CA TYR A 96 11.05 -4.39 -7.62
C TYR A 96 11.63 -5.42 -8.59
N LEU A 97 11.20 -6.68 -8.46
CA LEU A 97 11.71 -7.72 -9.34
C LEU A 97 11.23 -7.52 -10.77
N ASP A 98 9.98 -7.09 -10.95
CA ASP A 98 9.46 -6.88 -12.30
C ASP A 98 10.18 -5.75 -13.02
N GLU A 99 10.66 -4.75 -12.27
CA GLU A 99 11.36 -3.63 -12.87
C GLU A 99 12.83 -3.93 -13.11
N ALA A 100 13.52 -4.43 -12.08
CA ALA A 100 14.97 -4.55 -12.12
C ALA A 100 15.47 -5.73 -12.94
N TYR A 101 14.58 -6.62 -13.39
CA TYR A 101 15.05 -7.79 -14.11
C TYR A 101 14.41 -7.86 -15.50
N PRO A 102 15.10 -8.45 -16.48
CA PRO A 102 14.57 -8.54 -17.83
C PRO A 102 13.49 -9.61 -17.91
N GLY A 103 13.00 -9.83 -19.13
CA GLY A 103 11.95 -10.78 -19.38
C GLY A 103 10.60 -10.12 -19.57
N LYS A 104 9.55 -10.93 -19.46
CA LYS A 104 8.19 -10.44 -19.60
C LYS A 104 7.80 -9.60 -18.38
N LYS A 105 7.14 -8.48 -18.64
CA LYS A 105 6.68 -7.60 -17.58
C LYS A 105 5.35 -8.11 -17.04
N LEU A 106 5.32 -8.43 -15.74
CA LEU A 106 4.08 -8.85 -15.10
C LEU A 106 3.14 -7.68 -14.86
N LEU A 107 3.66 -6.46 -14.84
CA LEU A 107 2.91 -5.21 -14.70
C LEU A 107 2.78 -4.51 -16.04
N PRO A 108 1.59 -4.01 -16.36
CA PRO A 108 1.41 -3.30 -17.63
C PRO A 108 2.23 -2.02 -17.68
N ASP A 109 2.63 -1.65 -18.89
CA ASP A 109 3.42 -0.44 -19.09
C ASP A 109 2.57 0.82 -19.10
N ASP A 110 1.26 0.68 -19.30
CA ASP A 110 0.38 1.84 -19.29
C ASP A 110 0.20 2.34 -17.87
N PRO A 111 0.32 3.65 -17.63
CA PRO A 111 0.17 4.16 -16.25
C PRO A 111 -1.19 3.89 -15.64
N TYR A 112 -2.27 3.92 -16.45
CA TYR A 112 -3.59 3.68 -15.89
C TYR A 112 -3.81 2.20 -15.59
N GLU A 113 -3.38 1.32 -16.50
CA GLU A 113 -3.57 -0.12 -16.28
C GLU A 113 -2.76 -0.60 -15.09
N LYS A 114 -1.57 -0.04 -14.87
CA LYS A 114 -0.79 -0.39 -13.69
C LYS A 114 -1.42 0.19 -12.43
N ALA A 115 -1.96 1.40 -12.52
CA ALA A 115 -2.72 1.96 -11.40
C ALA A 115 -3.94 1.11 -11.08
N CYS A 116 -4.53 0.48 -12.10
CA CYS A 116 -5.68 -0.38 -11.88
C CYS A 116 -5.31 -1.59 -11.04
N GLN A 117 -4.20 -2.26 -11.38
CA GLN A 117 -3.77 -3.43 -10.62
C GLN A 117 -3.50 -3.05 -9.17
N LYS A 118 -2.91 -1.88 -8.95
CA LYS A 118 -2.69 -1.42 -7.58
C LYS A 118 -4.02 -1.10 -6.89
N MET A 119 -4.99 -0.57 -7.64
CA MET A 119 -6.31 -0.34 -7.07
C MET A 119 -7.00 -1.64 -6.71
N ILE A 120 -6.85 -2.67 -7.56
CA ILE A 120 -7.40 -3.98 -7.25
C ILE A 120 -6.70 -4.59 -6.03
N LEU A 121 -5.38 -4.40 -5.95
CA LEU A 121 -4.65 -4.84 -4.76
C LEU A 121 -5.21 -4.20 -3.50
N GLU A 122 -5.58 -2.92 -3.58
CA GLU A 122 -6.17 -2.26 -2.41
C GLU A 122 -7.55 -2.82 -2.08
N LEU A 123 -8.32 -3.21 -3.10
CA LEU A 123 -9.59 -3.88 -2.86
C LEU A 123 -9.42 -5.22 -2.17
N PHE A 124 -8.22 -5.82 -2.26
CA PHE A 124 -7.90 -7.08 -1.63
C PHE A 124 -7.28 -6.92 -0.25
N SER A 125 -7.01 -5.68 0.18
CA SER A 125 -6.17 -5.44 1.35
C SER A 125 -6.75 -6.04 2.62
N LYS A 126 -8.08 -6.04 2.76
CA LYS A 126 -8.69 -6.51 4.00
C LYS A 126 -8.69 -8.02 4.13
N VAL A 127 -8.52 -8.76 3.05
CA VAL A 127 -8.67 -10.21 3.05
C VAL A 127 -7.62 -10.89 3.93
N PRO A 128 -6.32 -10.63 3.77
CA PRO A 128 -5.33 -11.36 4.59
C PRO A 128 -5.52 -11.22 6.09
N SER A 129 -6.04 -10.08 6.55
CA SER A 129 -6.28 -9.92 7.99
C SER A 129 -7.47 -10.74 8.44
N LEU A 130 -8.60 -10.61 7.75
CA LEU A 130 -9.76 -11.44 8.05
C LEU A 130 -9.43 -12.92 7.89
N VAL A 131 -8.57 -13.24 6.92
CA VAL A 131 -8.19 -14.63 6.69
C VAL A 131 -7.39 -15.18 7.88
N GLY A 132 -6.59 -14.34 8.51
CA GLY A 132 -5.77 -14.77 9.62
C GLY A 132 -6.55 -14.91 10.91
N SER A 133 -7.50 -14.00 11.14
CA SER A 133 -8.33 -14.07 12.34
C SER A 133 -9.26 -15.28 12.30
N PHE A 134 -9.73 -15.65 11.11
CA PHE A 134 -10.59 -16.83 10.97
C PHE A 134 -9.84 -18.11 11.33
N ILE A 135 -8.53 -18.15 11.07
CA ILE A 135 -7.75 -19.33 11.39
C ILE A 135 -7.55 -19.45 12.91
N ARG A 136 -7.39 -18.32 13.59
CA ARG A 136 -7.17 -18.32 15.03
C ARG A 136 -8.49 -18.24 15.78
N LYS A 140 -12.91 -19.40 19.37
CA LYS A 140 -14.37 -19.43 19.46
C LYS A 140 -15.00 -19.58 18.07
N GLU A 141 -16.19 -20.17 18.03
CA GLU A 141 -16.85 -20.48 16.77
C GLU A 141 -17.56 -19.26 16.19
N ASP A 142 -16.91 -18.10 16.20
CA ASP A 142 -17.43 -16.93 15.52
C ASP A 142 -17.22 -16.99 14.01
N TYR A 143 -16.75 -18.13 13.50
CA TYR A 143 -16.43 -18.36 12.09
C TYR A 143 -17.50 -17.81 11.16
N ALA A 144 -18.77 -17.96 11.53
CA ALA A 144 -19.87 -17.53 10.67
C ALA A 144 -19.76 -16.05 10.31
N GLY A 145 -19.35 -15.22 11.27
CA GLY A 145 -19.15 -13.81 10.98
C GLY A 145 -17.94 -13.56 10.11
N LEU A 146 -16.84 -14.26 10.39
CA LEU A 146 -15.62 -14.07 9.60
C LEU A 146 -15.77 -14.64 8.19
N LYS A 147 -16.56 -15.69 8.02
CA LYS A 147 -16.84 -16.19 6.67
C LYS A 147 -17.74 -15.24 5.90
N GLU A 148 -18.63 -14.53 6.60
CA GLU A 148 -19.44 -13.51 5.94
C GLU A 148 -18.59 -12.31 5.55
N GLU A 149 -17.63 -11.93 6.40
CA GLU A 149 -16.70 -10.87 6.04
C GLU A 149 -15.81 -11.28 4.87
N PHE A 150 -15.55 -12.58 4.72
CA PHE A 150 -14.89 -13.09 3.52
C PHE A 150 -15.73 -12.79 2.29
N ARG A 151 -17.00 -13.21 2.31
CA ARG A 151 -17.86 -13.06 1.13
C ARG A 151 -18.00 -11.60 0.73
N LYS A 152 -18.06 -10.69 1.71
CA LYS A 152 -18.17 -9.27 1.39
C LYS A 152 -16.95 -8.79 0.61
N GLU A 153 -15.75 -9.16 1.07
CA GLU A 153 -14.54 -8.77 0.35
C GLU A 153 -14.42 -9.49 -0.99
N PHE A 154 -14.90 -10.73 -1.06
CA PHE A 154 -14.80 -11.49 -2.31
C PHE A 154 -15.70 -10.88 -3.39
N THR A 155 -16.88 -10.38 -3.01
CA THR A 155 -17.76 -9.74 -3.98
C THR A 155 -17.11 -8.51 -4.59
N LYS A 156 -16.27 -7.80 -3.82
CA LYS A 156 -15.54 -6.67 -4.37
C LYS A 156 -14.59 -7.11 -5.47
N LEU A 157 -13.98 -8.29 -5.32
CA LEU A 157 -13.18 -8.85 -6.40
C LEU A 157 -14.07 -9.32 -7.55
N GLU A 158 -15.22 -9.92 -7.22
CA GLU A 158 -16.16 -10.36 -8.25
C GLU A 158 -16.61 -9.19 -9.12
N GLU A 159 -16.86 -8.04 -8.50
CA GLU A 159 -17.30 -6.87 -9.26
C GLU A 159 -16.22 -6.38 -10.22
N VAL A 160 -14.95 -6.54 -9.86
CA VAL A 160 -13.86 -6.14 -10.76
C VAL A 160 -13.86 -7.01 -12.00
N LEU A 161 -13.92 -8.33 -11.81
CA LEU A 161 -13.94 -9.25 -12.96
C LEU A 161 -15.20 -9.05 -13.79
N THR A 162 -16.31 -8.68 -13.15
CA THR A 162 -17.54 -8.44 -13.89
C THR A 162 -17.43 -7.23 -14.80
N ASN A 163 -16.84 -6.15 -14.30
CA ASN A 163 -16.73 -4.93 -15.11
C ASN A 163 -15.63 -5.06 -16.15
N LYS A 164 -14.51 -5.70 -15.81
CA LYS A 164 -13.44 -5.89 -16.78
C LYS A 164 -13.80 -6.89 -17.87
N LYS A 165 -14.77 -7.77 -17.60
CA LYS A 165 -15.23 -8.77 -18.59
C LYS A 165 -14.09 -9.68 -19.04
N THR A 166 -13.11 -9.90 -18.18
CA THR A 166 -11.97 -10.75 -18.49
C THR A 166 -11.86 -11.85 -17.43
N THR A 167 -11.01 -12.83 -17.73
CA THR A 167 -10.82 -13.95 -16.80
C THR A 167 -9.92 -13.56 -15.64
N PHE A 168 -8.82 -12.88 -15.92
CA PHE A 168 -7.88 -12.45 -14.89
C PHE A 168 -8.13 -10.99 -14.52
N PHE A 169 -7.54 -10.58 -13.39
CA PHE A 169 -7.75 -9.23 -12.88
C PHE A 169 -7.04 -8.16 -13.69
N GLY A 170 -6.14 -8.54 -14.59
CA GLY A 170 -5.44 -7.57 -15.41
C GLY A 170 -5.84 -7.61 -16.86
N GLY A 171 -6.59 -8.63 -17.24
CA GLY A 171 -7.03 -8.80 -18.61
C GLY A 171 -7.19 -10.28 -18.93
N ASN A 172 -7.07 -10.59 -20.21
CA ASN A 172 -7.19 -11.97 -20.67
C ASN A 172 -5.95 -12.80 -20.41
N SER A 173 -4.84 -12.16 -20.03
CA SER A 173 -3.60 -12.87 -19.71
C SER A 173 -3.28 -12.65 -18.23
N ILE A 174 -2.54 -13.60 -17.66
CA ILE A 174 -2.15 -13.51 -16.26
C ILE A 174 -1.11 -12.42 -16.11
N SER A 175 -1.20 -11.66 -15.01
CA SER A 175 -0.33 -10.51 -14.80
C SER A 175 0.10 -10.48 -13.33
N MET A 176 0.60 -9.32 -12.90
CA MET A 176 1.12 -9.20 -11.54
CA MET A 176 1.12 -9.20 -11.54
C MET A 176 0.02 -9.30 -10.49
N ILE A 177 -1.12 -8.65 -10.73
CA ILE A 177 -2.18 -8.61 -9.74
C ILE A 177 -2.72 -10.00 -9.44
N ASP A 178 -2.72 -10.89 -10.43
CA ASP A 178 -3.19 -12.25 -10.20
C ASP A 178 -2.27 -12.98 -9.22
N TYR A 179 -0.96 -12.85 -9.42
CA TYR A 179 -0.01 -13.49 -8.50
C TYR A 179 -0.08 -12.88 -7.10
N LEU A 180 -0.41 -11.60 -6.99
CA LEU A 180 -0.53 -10.98 -5.68
C LEU A 180 -1.74 -11.50 -4.91
N ILE A 181 -2.81 -11.87 -5.62
CA ILE A 181 -4.03 -12.30 -4.97
C ILE A 181 -4.10 -13.81 -4.80
N TRP A 182 -3.49 -14.57 -5.71
CA TRP A 182 -3.67 -16.03 -5.74
C TRP A 182 -3.35 -16.76 -4.44
N PRO A 183 -2.25 -16.47 -3.72
CA PRO A 183 -1.87 -17.35 -2.59
C PRO A 183 -2.96 -17.51 -1.54
N TRP A 184 -3.82 -16.52 -1.34
CA TRP A 184 -4.86 -16.66 -0.33
C TRP A 184 -6.03 -17.49 -0.84
N PHE A 185 -6.26 -17.53 -2.15
CA PHE A 185 -7.28 -18.41 -2.71
C PHE A 185 -6.76 -19.81 -2.98
N GLU A 186 -5.45 -19.98 -3.14
CA GLU A 186 -4.87 -21.31 -3.16
C GLU A 186 -5.14 -22.04 -1.86
N ARG A 187 -4.95 -21.35 -0.73
CA ARG A 187 -5.20 -21.96 0.57
C ARG A 187 -6.69 -22.09 0.86
N LEU A 188 -7.53 -21.30 0.20
CA LEU A 188 -8.97 -21.41 0.39
C LEU A 188 -9.47 -22.80 0.01
N GLU A 189 -8.97 -23.33 -1.11
CA GLU A 189 -9.38 -24.67 -1.54
C GLU A 189 -8.80 -25.74 -0.63
N ALA A 190 -7.56 -25.54 -0.17
CA ALA A 190 -6.93 -26.52 0.71
C ALA A 190 -7.63 -26.63 2.06
N MET A 191 -8.39 -25.61 2.46
CA MET A 191 -9.12 -25.63 3.72
C MET A 191 -10.59 -26.00 3.53
N LYS A 192 -10.96 -26.52 2.36
CA LYS A 192 -12.35 -26.90 2.06
C LYS A 192 -13.31 -25.74 2.25
N LEU A 193 -12.86 -24.52 1.98
CA LEU A 193 -13.67 -23.32 2.15
C LEU A 193 -14.17 -22.77 0.82
N ASN A 194 -14.23 -23.60 -0.22
CA ASN A 194 -14.69 -23.16 -1.53
C ASN A 194 -16.15 -22.71 -1.51
N GLU A 195 -16.91 -23.05 -0.47
CA GLU A 195 -18.27 -22.55 -0.37
C GLU A 195 -18.31 -21.04 -0.21
N CYS A 196 -17.20 -20.41 0.16
CA CYS A 196 -17.14 -18.97 0.32
C CYS A 196 -17.08 -18.22 -1.01
N VAL A 197 -16.95 -18.93 -2.14
CA VAL A 197 -16.88 -18.27 -3.43
C VAL A 197 -17.95 -18.83 -4.36
N ASP A 198 -18.91 -19.58 -3.82
CA ASP A 198 -20.00 -20.06 -4.67
C ASP A 198 -20.98 -18.95 -5.02
N HIS A 199 -20.87 -17.78 -4.39
CA HIS A 199 -21.63 -16.60 -4.77
C HIS A 199 -20.82 -15.66 -5.65
N THR A 200 -19.56 -15.99 -5.94
CA THR A 200 -18.69 -15.21 -6.81
C THR A 200 -18.24 -16.13 -7.95
N PRO A 201 -19.09 -16.37 -8.95
CA PRO A 201 -18.72 -17.34 -10.00
C PRO A 201 -17.49 -16.94 -10.81
N LYS A 202 -17.36 -15.67 -11.17
CA LYS A 202 -16.21 -15.25 -11.96
C LYS A 202 -14.92 -15.36 -11.16
N LEU A 203 -14.97 -15.02 -9.87
CA LEU A 203 -13.81 -15.24 -9.00
C LEU A 203 -13.50 -16.72 -8.87
N LYS A 204 -14.53 -17.58 -8.90
CA LYS A 204 -14.32 -19.02 -8.83
C LYS A 204 -13.69 -19.54 -10.12
N LEU A 205 -14.18 -19.06 -11.27
CA LEU A 205 -13.55 -19.42 -12.54
C LEU A 205 -12.10 -18.94 -12.59
N TRP A 206 -11.84 -17.77 -12.01
CA TRP A 206 -10.47 -17.25 -11.98
C TRP A 206 -9.55 -18.18 -11.20
N MET A 207 -10.04 -18.76 -10.11
CA MET A 207 -9.25 -19.72 -9.35
C MET A 207 -8.86 -20.91 -10.21
N ALA A 208 -9.83 -21.45 -10.98
CA ALA A 208 -9.52 -22.59 -11.85
C ALA A 208 -8.53 -22.20 -12.93
N ALA A 209 -8.65 -20.98 -13.48
CA ALA A 209 -7.73 -20.53 -14.51
C ALA A 209 -6.33 -20.30 -13.96
N MET A 210 -6.21 -19.90 -12.69
CA MET A 210 -4.89 -19.73 -12.09
C MET A 210 -4.18 -21.07 -11.91
N LYS A 211 -4.93 -22.11 -11.56
CA LYS A 211 -4.33 -23.44 -11.39
C LYS A 211 -3.79 -24.00 -12.71
N GLU A 212 -4.25 -23.49 -13.85
CA GLU A 212 -3.71 -23.92 -15.13
C GLU A 212 -2.40 -23.22 -15.48
N ASP A 213 -1.99 -22.22 -14.71
CA ASP A 213 -0.78 -21.47 -15.02
C ASP A 213 0.46 -22.27 -14.63
N PRO A 214 1.47 -22.34 -15.50
CA PRO A 214 2.67 -23.12 -15.16
C PRO A 214 3.40 -22.62 -13.91
N THR A 215 3.51 -21.30 -13.76
CA THR A 215 4.18 -20.76 -12.57
C THR A 215 3.39 -21.08 -11.31
N VAL A 216 2.06 -20.95 -11.37
CA VAL A 216 1.24 -21.22 -10.20
C VAL A 216 1.35 -22.68 -9.77
N SER A 217 1.13 -23.60 -10.72
CA SER A 217 1.15 -25.02 -10.38
C SER A 217 2.52 -25.50 -9.93
N ALA A 218 3.59 -24.82 -10.35
CA ALA A 218 4.92 -25.20 -9.89
C ALA A 218 5.11 -24.89 -8.41
N LEU A 219 4.42 -23.88 -7.90
CA LEU A 219 4.57 -23.46 -6.51
C LEU A 219 3.37 -23.84 -5.65
N LEU A 220 2.46 -24.67 -6.16
CA LEU A 220 1.29 -25.06 -5.39
C LEU A 220 1.70 -25.93 -4.20
N THR A 221 1.01 -25.73 -3.08
CA THR A 221 1.15 -26.56 -1.90
C THR A 221 -0.07 -27.47 -1.80
N SER A 222 0.16 -28.76 -1.58
CA SER A 222 -0.93 -29.71 -1.49
C SER A 222 -1.81 -29.41 -0.28
N GLU A 223 -3.07 -29.83 -0.36
CA GLU A 223 -4.01 -29.54 0.72
C GLU A 223 -3.61 -30.22 2.01
N LYS A 224 -2.88 -31.34 1.93
CA LYS A 224 -2.41 -32.01 3.13
C LYS A 224 -1.21 -31.32 3.75
N ASP A 225 -0.35 -30.73 2.93
CA ASP A 225 0.80 -30.01 3.47
C ASP A 225 0.38 -28.72 4.16
N TRP A 226 -0.59 -28.01 3.60
CA TRP A 226 -1.05 -26.77 4.21
C TRP A 226 -1.78 -27.03 5.52
N GLN A 227 -2.63 -28.07 5.55
CA GLN A 227 -3.35 -28.40 6.77
C GLN A 227 -2.41 -28.91 7.85
N GLY A 228 -1.39 -29.68 7.47
CA GLY A 228 -0.41 -30.13 8.44
C GLY A 228 0.43 -29.01 9.00
N PHE A 229 0.84 -28.08 8.13
CA PHE A 229 1.57 -26.90 8.59
C PHE A 229 0.70 -26.04 9.51
N LEU A 230 -0.52 -25.76 9.08
CA LEU A 230 -1.38 -24.84 9.83
C LEU A 230 -1.71 -25.38 11.22
N GLU A 231 -1.84 -26.71 11.35
CA GLU A 231 -2.08 -27.30 12.66
C GLU A 231 -0.87 -27.07 13.59
N LEU A 232 0.34 -27.17 13.05
CA LEU A 232 1.53 -26.91 13.86
C LEU A 232 1.72 -25.42 14.12
N TYR A 233 1.41 -24.59 13.13
CA TYR A 233 1.63 -23.15 13.27
C TYR A 233 0.68 -22.55 14.31
N LEU A 234 -0.57 -23.00 14.34
CA LEU A 234 -1.51 -22.52 15.34
C LEU A 234 -1.15 -22.96 16.74
N GLN A 235 -0.42 -24.07 16.88
CA GLN A 235 0.14 -24.48 18.16
C GLN A 235 1.48 -23.82 18.44
N ASN A 236 1.92 -22.91 17.56
CA ASN A 236 3.20 -22.21 17.69
C ASN A 236 4.36 -23.20 17.80
N SER A 237 4.27 -24.29 17.04
CA SER A 237 5.32 -25.30 17.06
C SER A 237 6.55 -24.78 16.33
N PRO A 238 7.75 -24.95 16.90
CA PRO A 238 8.97 -24.53 16.19
C PRO A 238 9.28 -25.41 14.98
N GLU A 239 8.53 -26.49 14.76
CA GLU A 239 8.71 -27.34 13.60
C GLU A 239 7.66 -27.09 12.51
N ALA A 240 6.86 -26.04 12.67
CA ALA A 240 5.78 -25.78 11.72
C ALA A 240 6.33 -25.38 10.35
N CYS A 241 7.28 -24.45 10.33
CA CYS A 241 7.78 -23.92 9.06
C CYS A 241 8.57 -24.95 8.27
N ASP A 242 9.03 -26.02 8.91
CA ASP A 242 9.76 -27.09 8.23
C ASP A 242 8.90 -28.32 7.99
N TYR A 243 7.58 -28.13 7.81
CA TYR A 243 6.68 -29.24 7.58
C TYR A 243 6.92 -29.85 6.21
N GLY A 244 7.07 -31.17 6.16
CA GLY A 244 7.37 -31.85 4.92
C GLY A 244 8.83 -31.87 4.56
N LEU A 245 9.72 -31.64 5.53
CA LEU A 245 11.17 -31.55 5.32
C LEU A 245 11.55 -30.40 4.38
N SER B 9 -17.06 27.52 -6.67
CA SER B 9 -15.84 26.85 -7.08
C SER B 9 -15.36 25.87 -6.02
N ALA B 10 -14.77 26.39 -4.95
CA ALA B 10 -14.29 25.54 -3.87
C ALA B 10 -15.41 24.93 -3.04
N ARG B 11 -16.65 25.38 -3.22
CA ARG B 11 -17.76 24.86 -2.44
C ARG B 11 -18.00 23.40 -2.77
N SER B 12 -18.09 22.57 -1.73
CA SER B 12 -18.16 21.13 -1.93
C SER B 12 -19.52 20.72 -2.48
N LEU B 13 -19.51 19.75 -3.39
CA LEU B 13 -20.75 19.15 -3.88
C LEU B 13 -21.22 18.09 -2.91
N GLY B 14 -22.52 18.09 -2.62
CA GLY B 14 -23.08 17.16 -1.66
C GLY B 14 -24.18 16.28 -2.22
N LYS B 15 -25.04 15.78 -1.34
CA LYS B 15 -26.18 14.97 -1.79
C LYS B 15 -27.09 15.80 -2.68
N GLY B 16 -27.61 15.17 -3.73
CA GLY B 16 -28.48 15.85 -4.67
C GLY B 16 -27.77 16.74 -5.67
N SER B 17 -26.45 16.84 -5.61
CA SER B 17 -25.71 17.66 -6.56
C SER B 17 -25.60 16.96 -7.91
N ALA B 18 -25.54 17.76 -8.97
CA ALA B 18 -25.46 17.22 -10.32
C ALA B 18 -24.05 16.68 -10.59
N PRO B 19 -23.92 15.49 -11.16
CA PRO B 19 -22.59 14.97 -11.50
C PRO B 19 -21.93 15.85 -12.55
N PRO B 20 -20.62 16.07 -12.45
CA PRO B 20 -19.95 16.96 -13.40
C PRO B 20 -19.87 16.33 -14.80
N GLY B 21 -19.77 17.19 -15.80
CA GLY B 21 -19.65 16.75 -17.16
C GLY B 21 -18.28 16.13 -17.43
N PRO B 22 -18.05 15.78 -18.69
CA PRO B 22 -16.78 15.15 -19.05
C PRO B 22 -15.61 16.09 -18.83
N VAL B 23 -14.46 15.51 -18.53
CA VAL B 23 -13.24 16.30 -18.35
C VAL B 23 -12.73 16.76 -19.71
N PRO B 24 -12.45 18.05 -19.89
CA PRO B 24 -11.97 18.51 -21.20
C PRO B 24 -10.62 17.90 -21.55
N GLU B 25 -10.37 17.77 -22.85
CA GLU B 25 -9.12 17.19 -23.32
C GLU B 25 -7.94 18.04 -22.89
N GLY B 26 -6.82 17.36 -22.60
CA GLY B 26 -5.65 18.03 -22.09
C GLY B 26 -5.70 18.41 -20.63
N SER B 27 -6.80 18.12 -19.95
CA SER B 27 -6.96 18.40 -18.54
C SER B 27 -7.31 17.13 -17.77
N ILE B 28 -7.28 17.23 -16.46
CA ILE B 28 -7.64 16.14 -15.57
C ILE B 28 -8.37 16.71 -14.37
N ARG B 29 -9.31 15.94 -13.83
CA ARG B 29 -10.10 16.33 -12.69
C ARG B 29 -9.64 15.57 -11.45
N ILE B 30 -9.55 16.27 -10.33
CA ILE B 30 -9.31 15.64 -9.04
C ILE B 30 -10.53 15.88 -8.17
N TYR B 31 -11.13 14.80 -7.68
CA TYR B 31 -12.15 14.89 -6.64
C TYR B 31 -11.43 15.00 -5.29
N SER B 32 -11.50 16.18 -4.68
CA SER B 32 -10.68 16.47 -3.52
C SER B 32 -11.48 16.97 -2.33
N MET B 33 -10.77 17.39 -1.28
CA MET B 33 -11.36 18.06 -0.13
C MET B 33 -10.28 18.97 0.44
N ARG B 34 -10.64 20.24 0.66
CA ARG B 34 -9.63 21.26 0.94
C ARG B 34 -8.84 20.98 2.21
N PHE B 35 -9.38 20.20 3.15
CA PHE B 35 -8.71 19.94 4.41
C PHE B 35 -8.30 18.47 4.57
N CYS B 36 -8.35 17.68 3.50
CA CYS B 36 -7.97 16.27 3.59
C CYS B 36 -6.49 16.13 3.25
N PRO B 37 -5.67 15.62 4.18
CA PRO B 37 -4.24 15.47 3.86
C PRO B 37 -3.97 14.43 2.78
N PHE B 38 -4.80 13.39 2.68
CA PHE B 38 -4.62 12.41 1.61
C PHE B 38 -4.81 13.03 0.24
N ALA B 39 -5.82 13.90 0.10
CA ALA B 39 -6.03 14.59 -1.16
C ALA B 39 -4.97 15.64 -1.42
N GLU B 40 -4.39 16.22 -0.36
CA GLU B 40 -3.34 17.21 -0.55
C GLU B 40 -2.10 16.59 -1.21
N ARG B 41 -1.87 15.30 -1.01
CA ARG B 41 -0.82 14.59 -1.74
C ARG B 41 -0.97 14.80 -3.24
N THR B 42 -2.16 14.50 -3.77
CA THR B 42 -2.40 14.62 -5.21
C THR B 42 -2.32 16.06 -5.67
N ARG B 43 -2.87 16.99 -4.87
CA ARG B 43 -2.82 18.40 -5.26
C ARG B 43 -1.40 18.95 -5.21
N LEU B 44 -0.56 18.44 -4.30
CA LEU B 44 0.84 18.84 -4.31
C LEU B 44 1.54 18.37 -5.57
N VAL B 45 1.24 17.14 -6.02
CA VAL B 45 1.86 16.61 -7.22
C VAL B 45 1.37 17.35 -8.46
N LEU B 46 0.07 17.66 -8.50
CA LEU B 46 -0.46 18.40 -9.64
C LEU B 46 0.19 19.77 -9.76
N LYS B 47 0.41 20.45 -8.64
CA LYS B 47 1.05 21.76 -8.68
C LYS B 47 2.55 21.64 -8.97
N ALA B 48 3.21 20.64 -8.38
CA ALA B 48 4.64 20.50 -8.56
C ALA B 48 5.00 20.17 -10.00
N LYS B 49 4.14 19.45 -10.70
CA LYS B 49 4.38 19.08 -12.09
C LYS B 49 3.76 20.06 -13.09
N GLY B 50 3.10 21.10 -12.62
CA GLY B 50 2.49 22.08 -13.51
C GLY B 50 1.42 21.48 -14.40
N ILE B 51 0.56 20.64 -13.84
CA ILE B 51 -0.47 19.94 -14.61
C ILE B 51 -1.74 20.77 -14.57
N ARG B 52 -2.27 21.10 -15.75
CA ARG B 52 -3.56 21.78 -15.81
C ARG B 52 -4.64 20.84 -15.31
N HIS B 53 -5.42 21.30 -14.32
CA HIS B 53 -6.40 20.45 -13.69
C HIS B 53 -7.54 21.29 -13.14
N GLU B 54 -8.65 20.61 -12.86
CA GLU B 54 -9.78 21.21 -12.16
C GLU B 54 -10.03 20.43 -10.87
N VAL B 55 -10.48 21.13 -9.84
CA VAL B 55 -10.72 20.54 -8.53
C VAL B 55 -12.22 20.56 -8.26
N ILE B 56 -12.76 19.40 -7.88
CA ILE B 56 -14.14 19.28 -7.44
C ILE B 56 -14.10 18.77 -6.01
N ASN B 57 -14.53 19.59 -5.07
CA ASN B 57 -14.54 19.22 -3.66
C ASN B 57 -15.81 18.47 -3.31
N ILE B 58 -15.67 17.44 -2.48
CA ILE B 58 -16.79 16.58 -2.08
C ILE B 58 -17.01 16.76 -0.59
N ASN B 59 -18.26 17.00 -0.20
CA ASN B 59 -18.65 17.02 1.21
C ASN B 59 -18.55 15.61 1.75
N LEU B 60 -17.46 15.30 2.45
CA LEU B 60 -17.23 13.95 2.95
C LEU B 60 -18.22 13.54 4.03
N LYS B 61 -18.97 14.49 4.60
CA LYS B 61 -20.04 14.15 5.53
C LYS B 61 -21.40 14.03 4.85
N ASN B 62 -21.56 14.64 3.67
CA ASN B 62 -22.80 14.60 2.90
C ASN B 62 -22.43 14.25 1.46
N LYS B 63 -21.94 13.03 1.26
CA LYS B 63 -21.35 12.65 -0.01
C LYS B 63 -22.40 12.58 -1.10
N PRO B 64 -22.09 13.06 -2.31
CA PRO B 64 -23.04 12.94 -3.41
C PRO B 64 -23.30 11.49 -3.79
N GLU B 65 -24.53 11.23 -4.22
CA GLU B 65 -24.93 9.85 -4.55
C GLU B 65 -24.14 9.32 -5.74
N TRP B 66 -23.70 10.20 -6.65
CA TRP B 66 -22.94 9.77 -7.81
C TRP B 66 -21.47 9.56 -7.51
N PHE B 67 -20.96 10.11 -6.42
CA PHE B 67 -19.53 10.00 -6.13
C PHE B 67 -19.10 8.56 -5.87
N PHE B 68 -20.02 7.69 -5.46
CA PHE B 68 -19.66 6.30 -5.24
C PHE B 68 -19.43 5.55 -6.55
N LYS B 69 -19.91 6.08 -7.68
CA LYS B 69 -19.56 5.51 -8.97
C LYS B 69 -18.21 6.00 -9.48
N LYS B 70 -17.64 7.02 -8.85
CA LYS B 70 -16.27 7.45 -9.15
C LYS B 70 -15.25 6.66 -8.34
N ASN B 71 -15.58 6.34 -7.08
CA ASN B 71 -14.74 5.53 -6.22
C ASN B 71 -15.63 4.65 -5.35
N PRO B 72 -15.51 3.32 -5.46
CA PRO B 72 -16.38 2.45 -4.64
C PRO B 72 -16.21 2.65 -3.15
N PHE B 73 -15.04 3.11 -2.70
CA PHE B 73 -14.83 3.43 -1.29
C PHE B 73 -15.46 4.76 -0.89
N GLY B 74 -15.93 5.55 -1.85
CA GLY B 74 -16.49 6.85 -1.54
C GLY B 74 -15.49 7.79 -0.89
N LEU B 75 -14.20 7.62 -1.19
CA LEU B 75 -13.15 8.35 -0.52
C LEU B 75 -12.41 9.24 -1.51
N VAL B 76 -11.70 10.21 -0.95
CA VAL B 76 -10.98 11.24 -1.70
C VAL B 76 -9.50 11.01 -1.41
N PRO B 77 -8.58 11.21 -2.38
CA PRO B 77 -8.71 11.77 -3.73
C PRO B 77 -9.10 10.77 -4.82
N VAL B 78 -9.65 11.31 -5.90
CA VAL B 78 -10.00 10.54 -7.09
C VAL B 78 -9.62 11.37 -8.31
N LEU B 79 -8.96 10.74 -9.27
CA LEU B 79 -8.61 11.37 -10.54
C LEU B 79 -9.54 10.88 -11.63
N GLU B 80 -9.91 11.80 -12.54
CA GLU B 80 -10.74 11.46 -13.69
C GLU B 80 -10.23 12.25 -14.88
N ASN B 81 -9.81 11.54 -15.93
CA ASN B 81 -9.25 12.17 -17.11
C ASN B 81 -10.32 12.33 -18.19
N SER B 82 -9.90 12.84 -19.35
CA SER B 82 -10.82 13.06 -20.46
C SER B 82 -11.36 11.76 -21.05
N GLN B 83 -10.68 10.64 -20.81
CA GLN B 83 -11.14 9.34 -21.28
C GLN B 83 -12.12 8.69 -20.31
N GLY B 84 -12.50 9.37 -19.23
CA GLY B 84 -13.35 8.79 -18.23
C GLY B 84 -12.69 7.79 -17.31
N GLN B 85 -11.38 7.59 -17.43
CA GLN B 85 -10.67 6.68 -16.55
C GLN B 85 -10.60 7.24 -15.14
N LEU B 86 -10.76 6.38 -14.15
CA LEU B 86 -10.84 6.77 -12.75
C LEU B 86 -9.69 6.13 -11.98
N ILE B 87 -9.00 6.93 -11.18
CA ILE B 87 -7.88 6.48 -10.36
C ILE B 87 -8.08 7.02 -8.95
N TYR B 88 -8.12 6.12 -7.97
CA TYR B 88 -8.24 6.51 -6.57
C TYR B 88 -7.06 5.96 -5.77
N GLU B 89 -7.12 6.14 -4.45
CA GLU B 89 -6.01 5.93 -3.52
C GLU B 89 -4.93 6.98 -3.76
N SER B 90 -4.60 7.74 -2.71
CA SER B 90 -3.74 8.92 -2.87
C SER B 90 -2.39 8.55 -3.47
N ALA B 91 -1.74 7.52 -2.92
CA ALA B 91 -0.44 7.11 -3.43
C ALA B 91 -0.53 6.69 -4.89
N ILE B 92 -1.59 5.99 -5.27
CA ILE B 92 -1.75 5.55 -6.65
C ILE B 92 -1.94 6.76 -7.57
N THR B 93 -2.74 7.73 -7.14
CA THR B 93 -2.97 8.93 -7.97
C THR B 93 -1.67 9.68 -8.18
N CYS B 94 -0.84 9.77 -7.14
CA CYS B 94 0.43 10.49 -7.27
C CYS B 94 1.37 9.77 -8.24
N GLU B 95 1.45 8.45 -8.15
CA GLU B 95 2.30 7.69 -9.07
CA GLU B 95 2.31 7.71 -9.07
C GLU B 95 1.77 7.78 -10.49
N TYR B 96 0.44 7.76 -10.64
CA TYR B 96 -0.15 7.84 -11.98
C TYR B 96 0.18 9.17 -12.64
N LEU B 97 0.02 10.27 -11.90
CA LEU B 97 0.31 11.59 -12.46
C LEU B 97 1.77 11.73 -12.85
N ASP B 98 2.68 11.19 -12.04
CA ASP B 98 4.10 11.31 -12.31
C ASP B 98 4.51 10.50 -13.54
N GLU B 99 3.75 9.45 -13.87
CA GLU B 99 4.04 8.63 -15.04
C GLU B 99 3.31 9.12 -16.29
N ALA B 100 2.06 9.56 -16.13
CA ALA B 100 1.23 9.92 -17.27
C ALA B 100 1.49 11.34 -17.79
N TYR B 101 2.26 12.14 -17.07
CA TYR B 101 2.48 13.52 -17.47
C TYR B 101 3.98 13.82 -17.56
N PRO B 102 4.37 14.73 -18.46
CA PRO B 102 5.80 15.03 -18.61
C PRO B 102 6.29 15.98 -17.54
N GLY B 103 7.43 16.63 -17.79
CA GLY B 103 8.03 17.49 -16.79
C GLY B 103 9.01 16.75 -15.91
N LYS B 104 9.31 17.37 -14.77
CA LYS B 104 10.28 16.79 -13.84
C LYS B 104 9.67 15.60 -13.12
N LYS B 105 10.40 14.48 -13.13
CA LYS B 105 9.96 13.29 -12.40
C LYS B 105 10.07 13.52 -10.90
N LEU B 106 9.00 13.23 -10.17
CA LEU B 106 9.04 13.30 -8.72
C LEU B 106 9.40 11.96 -8.10
N LEU B 107 9.06 10.85 -8.76
CA LEU B 107 9.41 9.50 -8.33
C LEU B 107 10.63 9.01 -9.10
N PRO B 108 11.62 8.44 -8.41
CA PRO B 108 12.76 7.85 -9.13
C PRO B 108 12.33 6.60 -9.87
N ASP B 109 12.86 6.43 -11.09
CA ASP B 109 12.57 5.23 -11.87
C ASP B 109 13.44 4.06 -11.46
N ASP B 110 14.56 4.31 -10.77
CA ASP B 110 15.42 3.25 -10.27
C ASP B 110 14.60 2.31 -9.39
N PRO B 111 14.61 1.00 -9.68
CA PRO B 111 13.74 0.09 -8.92
C PRO B 111 14.02 0.08 -7.43
N TYR B 112 15.29 0.09 -7.03
CA TYR B 112 15.60 0.07 -5.60
C TYR B 112 15.18 1.37 -4.92
N GLU B 113 15.50 2.51 -5.54
CA GLU B 113 15.18 3.80 -4.95
C GLU B 113 13.67 3.96 -4.76
N LYS B 114 12.90 3.60 -5.80
CA LYS B 114 11.44 3.66 -5.68
C LYS B 114 10.93 2.67 -4.65
N ALA B 115 11.59 1.53 -4.50
CA ALA B 115 11.20 0.57 -3.47
C ALA B 115 11.48 1.12 -2.08
N CYS B 116 12.56 1.88 -1.93
CA CYS B 116 12.89 2.48 -0.63
C CYS B 116 11.83 3.49 -0.22
N GLN B 117 11.46 4.38 -1.12
CA GLN B 117 10.47 5.40 -0.80
C GLN B 117 9.13 4.76 -0.42
N LYS B 118 8.78 3.66 -1.09
CA LYS B 118 7.57 2.92 -0.70
C LYS B 118 7.76 2.25 0.66
N MET B 119 8.97 1.77 0.95
CA MET B 119 9.26 1.24 2.27
C MET B 119 9.22 2.34 3.32
N ILE B 120 9.73 3.53 2.98
CA ILE B 120 9.61 4.68 3.88
C ILE B 120 8.14 5.03 4.09
N LEU B 121 7.35 4.97 3.02
CA LEU B 121 5.92 5.24 3.13
C LEU B 121 5.24 4.24 4.06
N GLU B 122 5.71 2.99 4.07
CA GLU B 122 5.15 2.00 4.99
C GLU B 122 5.53 2.31 6.43
N LEU B 123 6.76 2.79 6.65
CA LEU B 123 7.16 3.22 7.99
C LEU B 123 6.33 4.41 8.46
N PHE B 124 5.82 5.21 7.53
CA PHE B 124 4.98 6.35 7.85
C PHE B 124 3.52 5.97 8.07
N SER B 125 3.11 4.76 7.67
CA SER B 125 1.70 4.40 7.62
C SER B 125 1.00 4.47 8.98
N LYS B 126 1.75 4.49 10.08
CA LYS B 126 1.11 4.55 11.39
C LYS B 126 0.66 5.97 11.75
N VAL B 127 1.33 6.99 11.20
CA VAL B 127 1.06 8.38 11.56
C VAL B 127 -0.35 8.82 11.14
N PRO B 128 -0.80 8.55 9.91
CA PRO B 128 -2.18 8.94 9.56
C PRO B 128 -3.24 8.33 10.47
N SER B 129 -3.01 7.12 10.99
CA SER B 129 -3.95 6.55 11.94
C SER B 129 -3.88 7.26 13.29
N LEU B 130 -2.68 7.63 13.72
CA LEU B 130 -2.51 8.31 14.99
C LEU B 130 -3.04 9.74 14.95
N VAL B 131 -2.89 10.42 13.82
CA VAL B 131 -3.40 11.79 13.69
C VAL B 131 -4.92 11.79 13.81
N GLY B 132 -5.58 10.80 13.20
CA GLY B 132 -7.03 10.70 13.33
C GLY B 132 -7.49 10.43 14.75
N SER B 133 -6.66 9.74 15.53
CA SER B 133 -7.01 9.45 16.93
C SER B 133 -6.84 10.69 17.81
N PHE B 134 -5.77 11.46 17.57
CA PHE B 134 -5.58 12.70 18.33
C PHE B 134 -6.67 13.70 18.03
N ILE B 135 -7.07 13.82 16.77
CA ILE B 135 -8.14 14.73 16.38
C ILE B 135 -9.47 14.30 16.98
N ARG B 136 -9.70 12.98 17.12
CA ARG B 136 -10.99 12.46 17.51
C ARG B 136 -11.17 12.42 19.03
N SER B 137 -10.22 11.81 19.75
CA SER B 137 -10.35 11.57 21.19
C SER B 137 -10.68 12.83 21.98
N LYS B 140 -10.65 13.23 26.15
CA LYS B 140 -9.88 12.16 26.77
C LYS B 140 -8.46 12.60 27.07
N GLU B 141 -7.75 11.82 27.89
CA GLU B 141 -6.38 12.13 28.28
C GLU B 141 -5.37 11.22 27.59
N ASP B 142 -5.73 10.71 26.40
CA ASP B 142 -4.82 9.93 25.59
C ASP B 142 -3.92 10.79 24.71
N TYR B 143 -3.99 12.11 24.87
CA TYR B 143 -3.11 12.99 24.13
C TYR B 143 -1.65 12.74 24.50
N ALA B 144 -1.38 12.51 25.78
CA ALA B 144 -0.01 12.23 26.22
C ALA B 144 0.51 10.92 25.63
N GLY B 145 -0.34 9.90 25.59
CA GLY B 145 0.07 8.63 25.00
C GLY B 145 0.24 8.72 23.49
N LEU B 146 -0.60 9.53 22.83
CA LEU B 146 -0.48 9.71 21.39
C LEU B 146 0.76 10.53 21.03
N LYS B 147 1.17 11.45 21.91
CA LYS B 147 2.40 12.20 21.66
C LYS B 147 3.62 11.30 21.66
N GLU B 148 3.65 10.31 22.56
CA GLU B 148 4.77 9.37 22.58
C GLU B 148 4.81 8.55 21.29
N GLU B 149 3.64 8.18 20.77
CA GLU B 149 3.60 7.41 19.53
C GLU B 149 4.10 8.24 18.36
N PHE B 150 3.67 9.50 18.27
CA PHE B 150 4.19 10.40 17.26
C PHE B 150 5.71 10.49 17.34
N ARG B 151 6.23 10.68 18.57
CA ARG B 151 7.68 10.78 18.75
C ARG B 151 8.39 9.51 18.29
N LYS B 152 7.82 8.34 18.63
CA LYS B 152 8.46 7.09 18.25
C LYS B 152 8.36 6.84 16.74
N GLU B 153 7.23 7.23 16.13
CA GLU B 153 7.11 7.08 14.69
C GLU B 153 7.97 8.11 13.95
N PHE B 154 8.02 9.34 14.47
CA PHE B 154 8.88 10.34 13.85
C PHE B 154 10.35 9.99 14.00
N THR B 155 10.72 9.32 15.08
CA THR B 155 12.09 8.83 15.24
C THR B 155 12.45 7.86 14.12
N LYS B 156 11.50 7.02 13.71
CA LYS B 156 11.74 6.13 12.58
C LYS B 156 12.03 6.91 11.31
N LEU B 157 11.36 8.06 11.13
CA LEU B 157 11.67 8.91 9.99
C LEU B 157 12.98 9.67 10.22
N GLU B 158 13.25 10.06 11.47
CA GLU B 158 14.52 10.71 11.78
C GLU B 158 15.70 9.78 11.48
N GLU B 159 15.54 8.49 11.77
CA GLU B 159 16.59 7.53 11.48
C GLU B 159 16.81 7.37 9.97
N VAL B 160 15.74 7.52 9.18
CA VAL B 160 15.89 7.41 7.73
C VAL B 160 16.70 8.58 7.18
N LEU B 161 16.35 9.80 7.59
CA LEU B 161 17.11 10.97 7.15
C LEU B 161 18.54 10.94 7.65
N THR B 162 18.76 10.40 8.85
CA THR B 162 20.13 10.32 9.38
C THR B 162 20.96 9.31 8.59
N ASN B 163 20.39 8.14 8.28
CA ASN B 163 21.15 7.12 7.57
C ASN B 163 21.40 7.50 6.13
N LYS B 164 20.51 8.30 5.53
CA LYS B 164 20.72 8.73 4.14
C LYS B 164 21.66 9.92 4.04
N LYS B 165 21.88 10.66 5.13
CA LYS B 165 22.74 11.85 5.14
C LYS B 165 22.28 12.87 4.11
N THR B 166 20.97 12.97 3.91
CA THR B 166 20.39 13.92 2.97
C THR B 166 19.35 14.78 3.67
N THR B 167 18.98 15.87 3.01
CA THR B 167 17.97 16.76 3.58
C THR B 167 16.58 16.14 3.48
N PHE B 168 16.23 15.61 2.32
CA PHE B 168 14.91 15.04 2.07
C PHE B 168 15.00 13.52 2.04
N PHE B 169 13.82 12.89 2.02
CA PHE B 169 13.76 11.43 2.06
C PHE B 169 14.13 10.79 0.73
N GLY B 170 14.29 11.57 -0.33
CA GLY B 170 14.65 11.02 -1.63
C GLY B 170 15.85 11.70 -2.25
N GLY B 171 16.75 12.21 -1.42
CA GLY B 171 17.94 12.88 -1.88
C GLY B 171 18.04 14.25 -1.27
N ASN B 172 18.87 15.10 -1.88
CA ASN B 172 19.08 16.46 -1.41
C ASN B 172 18.15 17.46 -2.07
N SER B 173 17.23 17.00 -2.92
CA SER B 173 16.18 17.83 -3.47
C SER B 173 14.83 17.18 -3.19
N ILE B 174 13.79 18.00 -3.18
CA ILE B 174 12.46 17.52 -2.83
C ILE B 174 11.93 16.62 -3.93
N SER B 175 11.34 15.49 -3.53
CA SER B 175 10.83 14.51 -4.48
C SER B 175 9.43 14.08 -4.06
N MET B 176 8.97 12.94 -4.61
CA MET B 176 7.60 12.50 -4.40
C MET B 176 7.35 12.11 -2.94
N ILE B 177 8.29 11.37 -2.34
CA ILE B 177 8.07 10.85 -0.99
C ILE B 177 7.91 11.99 0.01
N ASP B 178 8.55 13.13 -0.24
CA ASP B 178 8.39 14.28 0.64
C ASP B 178 6.97 14.84 0.56
N TYR B 179 6.39 14.87 -0.64
CA TYR B 179 5.03 15.37 -0.80
C TYR B 179 4.01 14.42 -0.19
N LEU B 180 4.30 13.11 -0.20
CA LEU B 180 3.42 12.11 0.37
C LEU B 180 3.38 12.15 1.89
N ILE B 181 4.42 12.68 2.54
CA ILE B 181 4.53 12.65 3.99
C ILE B 181 4.21 14.03 4.57
N TRP B 182 4.47 15.08 3.78
CA TRP B 182 4.31 16.45 4.29
C TRP B 182 2.93 16.80 4.85
N PRO B 183 1.80 16.43 4.21
CA PRO B 183 0.50 16.92 4.71
C PRO B 183 0.24 16.68 6.18
N TRP B 184 0.77 15.59 6.74
CA TRP B 184 0.56 15.33 8.16
C TRP B 184 1.50 16.16 9.03
N PHE B 185 2.71 16.46 8.56
CA PHE B 185 3.58 17.35 9.30
C PHE B 185 3.14 18.81 9.19
N GLU B 186 2.39 19.16 8.14
CA GLU B 186 1.88 20.52 8.02
C GLU B 186 0.87 20.83 9.10
N ARG B 187 0.06 19.84 9.49
CA ARG B 187 -0.97 20.03 10.51
C ARG B 187 -0.43 19.89 11.93
N LEU B 188 0.87 19.61 12.08
CA LEU B 188 1.45 19.43 13.41
C LEU B 188 1.35 20.70 14.24
N GLU B 189 1.60 21.86 13.62
CA GLU B 189 1.56 23.12 14.35
C GLU B 189 0.15 23.47 14.79
N ALA B 190 -0.83 23.31 13.91
CA ALA B 190 -2.22 23.59 14.28
C ALA B 190 -2.75 22.63 15.33
N MET B 191 -2.16 21.44 15.44
CA MET B 191 -2.51 20.49 16.49
C MET B 191 -1.64 20.64 17.73
N LYS B 192 -0.90 21.75 17.84
CA LYS B 192 0.02 22.06 18.94
C LYS B 192 0.84 20.83 19.35
N LEU B 193 1.41 20.16 18.33
CA LEU B 193 2.23 18.98 18.54
C LEU B 193 3.67 19.22 18.10
N ASN B 194 4.14 20.47 18.18
CA ASN B 194 5.49 20.78 17.75
C ASN B 194 6.56 20.20 18.67
N GLU B 195 6.22 19.90 19.93
CA GLU B 195 7.20 19.30 20.83
C GLU B 195 7.50 17.85 20.45
N CYS B 196 6.73 17.25 19.55
CA CYS B 196 6.98 15.88 19.11
C CYS B 196 8.15 15.76 18.15
N VAL B 197 8.69 16.88 17.67
CA VAL B 197 9.84 16.86 16.77
C VAL B 197 11.05 17.55 17.37
N ASP B 198 11.01 17.86 18.68
CA ASP B 198 12.15 18.50 19.32
C ASP B 198 13.36 17.57 19.39
N HIS B 199 13.12 16.25 19.45
CA HIS B 199 14.19 15.27 19.47
C HIS B 199 14.52 14.72 18.09
N THR B 200 13.98 15.33 17.03
CA THR B 200 14.26 14.92 15.65
C THR B 200 14.81 16.12 14.90
N PRO B 201 16.10 16.40 15.02
CA PRO B 201 16.66 17.58 14.34
C PRO B 201 16.59 17.50 12.83
N LYS B 202 16.97 16.36 12.24
CA LYS B 202 16.88 16.23 10.78
C LYS B 202 15.45 16.42 10.29
N LEU B 203 14.47 15.96 11.08
CA LEU B 203 13.07 16.12 10.69
C LEU B 203 12.60 17.56 10.84
N LYS B 204 13.13 18.28 11.84
CA LYS B 204 12.83 19.71 11.95
C LYS B 204 13.40 20.47 10.75
N LEU B 205 14.64 20.18 10.38
CA LEU B 205 15.24 20.81 9.21
C LEU B 205 14.47 20.45 7.95
N TRP B 206 13.99 19.20 7.87
CA TRP B 206 13.16 18.80 6.73
C TRP B 206 11.88 19.64 6.66
N MET B 207 11.23 19.85 7.81
CA MET B 207 10.01 20.65 7.81
C MET B 207 10.26 22.08 7.35
N ALA B 208 11.35 22.69 7.83
CA ALA B 208 11.67 24.06 7.44
C ALA B 208 11.95 24.15 5.96
N ALA B 209 12.62 23.15 5.38
CA ALA B 209 12.89 23.15 3.95
C ALA B 209 11.63 22.94 3.14
N MET B 210 10.69 22.14 3.64
CA MET B 210 9.44 21.94 2.91
C MET B 210 8.60 23.21 2.86
N LYS B 211 8.57 23.97 3.97
CA LYS B 211 7.80 25.21 3.98
C LYS B 211 8.34 26.22 2.99
N GLU B 212 9.64 26.16 2.68
CA GLU B 212 10.24 27.05 1.70
C GLU B 212 10.00 26.59 0.26
N ASP B 213 9.45 25.39 0.06
CA ASP B 213 9.16 24.93 -1.28
C ASP B 213 8.00 25.74 -1.89
N PRO B 214 8.12 26.16 -3.15
CA PRO B 214 7.03 26.95 -3.74
C PRO B 214 5.72 26.20 -3.86
N THR B 215 5.77 24.90 -4.20
CA THR B 215 4.54 24.11 -4.29
C THR B 215 3.89 23.95 -2.93
N VAL B 216 4.68 23.63 -1.91
CA VAL B 216 4.14 23.47 -0.56
C VAL B 216 3.58 24.80 -0.05
N SER B 217 4.29 25.89 -0.31
CA SER B 217 3.87 27.20 0.21
C SER B 217 2.53 27.62 -0.37
N ALA B 218 2.30 27.35 -1.65
CA ALA B 218 1.05 27.76 -2.29
C ALA B 218 -0.16 26.97 -1.76
N LEU B 219 0.06 25.78 -1.20
CA LEU B 219 -1.03 24.94 -0.73
C LEU B 219 -1.16 24.92 0.78
N LEU B 220 -0.41 25.78 1.49
CA LEU B 220 -0.51 25.82 2.94
C LEU B 220 -1.88 26.33 3.38
N THR B 221 -2.32 25.85 4.54
CA THR B 221 -3.60 26.24 5.13
C THR B 221 -3.35 27.01 6.41
N SER B 222 -4.07 28.12 6.58
CA SER B 222 -3.91 28.94 7.76
C SER B 222 -4.30 28.17 9.02
N GLU B 223 -3.77 28.62 10.16
CA GLU B 223 -4.06 27.95 11.42
C GLU B 223 -5.55 28.01 11.76
N LYS B 224 -6.20 29.14 11.48
CA LYS B 224 -7.59 29.33 11.84
C LYS B 224 -8.55 28.62 10.90
N ASP B 225 -8.07 28.17 9.73
CA ASP B 225 -8.91 27.35 8.86
C ASP B 225 -8.90 25.89 9.29
N TRP B 226 -7.72 25.34 9.60
CA TRP B 226 -7.67 23.98 10.14
C TRP B 226 -8.31 23.90 11.51
N GLN B 227 -8.29 24.99 12.27
CA GLN B 227 -8.97 25.03 13.56
C GLN B 227 -10.48 24.89 13.38
N GLY B 228 -11.06 25.73 12.52
CA GLY B 228 -12.49 25.70 12.33
C GLY B 228 -12.99 24.42 11.70
N PHE B 229 -12.20 23.86 10.77
CA PHE B 229 -12.59 22.61 10.13
C PHE B 229 -12.61 21.47 11.15
N LEU B 230 -11.62 21.42 12.04
CA LEU B 230 -11.57 20.35 13.03
C LEU B 230 -12.75 20.45 14.00
N GLU B 231 -13.04 21.65 14.48
CA GLU B 231 -14.18 21.85 15.37
C GLU B 231 -15.48 21.38 14.71
N LEU B 232 -15.66 21.74 13.44
CA LEU B 232 -16.87 21.34 12.73
C LEU B 232 -16.86 19.85 12.42
N TYR B 233 -15.69 19.29 12.10
CA TYR B 233 -15.59 17.84 11.93
C TYR B 233 -15.80 17.13 13.26
N LEU B 234 -15.37 17.73 14.37
CA LEU B 234 -15.71 17.26 15.71
C LEU B 234 -17.14 17.59 16.11
N GLN B 235 -17.99 17.93 15.14
CA GLN B 235 -19.42 18.10 15.36
C GLN B 235 -20.25 17.40 14.30
N ASN B 236 -19.62 16.66 13.38
CA ASN B 236 -20.29 15.97 12.28
C ASN B 236 -21.13 16.95 11.45
N SER B 237 -20.50 18.07 11.09
CA SER B 237 -21.20 19.14 10.37
C SER B 237 -21.06 18.95 8.86
N PRO B 238 -22.15 19.16 8.11
CA PRO B 238 -22.06 19.16 6.64
C PRO B 238 -21.41 20.41 6.08
N GLU B 239 -21.03 21.37 6.93
CA GLU B 239 -20.30 22.57 6.51
C GLU B 239 -18.84 22.52 6.92
N ALA B 240 -18.37 21.40 7.48
CA ALA B 240 -16.98 21.30 7.91
C ALA B 240 -16.03 21.39 6.72
N CYS B 241 -16.28 20.60 5.68
CA CYS B 241 -15.43 20.62 4.50
C CYS B 241 -15.43 21.99 3.84
N ASP B 242 -16.50 22.77 4.03
CA ASP B 242 -16.62 24.11 3.46
C ASP B 242 -16.37 25.19 4.49
N TYR B 243 -15.54 24.93 5.51
CA TYR B 243 -15.21 25.97 6.47
C TYR B 243 -14.45 27.10 5.76
N GLY B 244 -14.75 28.34 6.15
CA GLY B 244 -14.24 29.50 5.45
C GLY B 244 -14.90 29.77 4.12
N LEU B 245 -15.69 28.84 3.60
CA LEU B 245 -16.41 28.98 2.34
C LEU B 245 -15.44 29.30 1.19
C8 A1ELW C . 3.88 -15.28 6.39
C9 A1ELW C . 3.15 -16.50 6.90
C10 A1ELW C . 1.71 -16.19 7.23
C13 A1ELW C . -1.37 -17.28 7.18
C17 A1ELW C . -4.53 -18.20 5.16
C20 A1ELW C . -7.01 -18.79 4.01
C21 A1ELW C . -8.35 -19.08 3.41
C26 A1ELW C . -5.58 -18.69 5.94
C28 A1ELW C . -0.55 -17.98 9.38
C12 A1ELW C . -0.40 -16.97 8.24
C16 A1ELW C . -3.23 -17.86 5.77
C18 A1ELW C . -4.74 -18.03 3.80
C19 A1ELW C . -5.97 -18.32 3.23
C25 A1ELW C . -6.80 -18.98 5.38
C29 A1ELW C . 0.31 -19.15 8.92
C30 A1ELW C . 1.49 -18.50 8.19
F22 A1ELW C . -9.35 -18.44 4.02
F23 A1ELW C . -8.67 -20.38 3.46
F24 A1ELW C . -8.42 -18.73 2.12
N11 A1ELW C . 0.98 -17.16 7.84
N14 A1ELW C . -1.04 -17.36 5.93
N15 A1ELW C . -2.14 -17.70 5.11
O31 A1ELW C . 1.21 -15.11 6.96
S27 A1ELW C . -3.06 -17.62 7.48
#